data_9GHY
#
_entry.id   9GHY
#
_cell.length_a   42.854
_cell.length_b   52.595
_cell.length_c   89.257
_cell.angle_alpha   90
_cell.angle_beta   90
_cell.angle_gamma   90
#
_symmetry.space_group_name_H-M   'P 21 21 21'
#
loop_
_entity.id
_entity.type
_entity.pdbx_description
1 polymer 'Peptidyl-prolyl cis-trans isomerase A'
2 non-polymer "(2R,3S,7S,10S,E)-10-(3-aminopropyl)-2,7-dimethylspiro[3,8,11-triaza-1(2,7)-quinolina-5(3,1)-pyridazinacyclopentadecaphanene-13,5'-[1,3]dioxan]-14-ene-4,6,9,12-tetraone"
3 non-polymer 'CHLORIDE ION'
4 water water
#
_entity_poly.entity_id   1
_entity_poly.type   'polypeptide(L)'
_entity_poly.pdbx_seq_one_letter_code
;GHMVNPTVFFDIAVDGEPLGRVSFELFADKVPKTAENFRALSTGEKGFGYKGSCFHRIIPGFMCQGGDFTRHNGTGGKSI
YGEKFEDENFILKHTGPGILSMANAGPNTNGSQFFICTAKTEWLDGKHVVFGKVKEGMNIVEAMERFGSRNGKTSKKITI
ADCGQLE
;
_entity_poly.pdbx_strand_id   A
#
loop_
_chem_comp.id
_chem_comp.type
_chem_comp.name
_chem_comp.formula
A1ILH non-polymer (2R,3S,7S,10S,E)-10-(3-aminopropyl)-2,7-dimethylspiro[3,8,11-triaza-1(2,7)-quinolina-5(3,1)-pyridazinacyclopentadecaphanene-13,5'-[1,3]dioxan]-14-ene-4,6,9,12-tetraone 'C31 H41 N7 O6'
CL non-polymer 'CHLORIDE ION' 'Cl -1'
#
# COMPACT_ATOMS: atom_id res chain seq x y z
N GLY A 1 -23.04 15.31 3.22
CA GLY A 1 -23.73 14.17 2.60
C GLY A 1 -22.99 12.87 2.87
N HIS A 2 -23.34 11.87 2.07
CA HIS A 2 -22.77 10.56 2.22
C HIS A 2 -21.26 10.66 2.09
N MET A 3 -20.57 9.86 2.93
CA MET A 3 -19.15 9.66 2.80
C MET A 3 -18.86 9.00 1.44
N VAL A 4 -17.94 9.59 0.68
CA VAL A 4 -17.48 9.02 -0.57
C VAL A 4 -16.11 8.40 -0.29
N ASN A 5 -15.93 7.14 -0.67
CA ASN A 5 -14.65 6.49 -0.46
C ASN A 5 -13.54 7.31 -1.11
N PRO A 6 -12.45 7.58 -0.36
CA PRO A 6 -11.36 8.37 -0.91
C PRO A 6 -10.65 7.66 -2.06
N THR A 7 -10.10 8.47 -3.00
CA THR A 7 -9.18 8.01 -4.04
C THR A 7 -7.83 8.64 -3.73
N VAL A 8 -6.78 7.80 -3.72
CA VAL A 8 -5.44 8.31 -3.54
C VAL A 8 -4.61 7.84 -4.72
N PHE A 9 -3.55 8.59 -5.01
CA PHE A 9 -2.62 8.21 -6.07
C PHE A 9 -1.22 8.12 -5.55
N PHE A 10 -0.45 7.25 -6.21
CA PHE A 10 1.00 7.21 -6.14
C PHE A 10 1.56 7.41 -7.54
N ASP A 11 2.51 8.36 -7.67
CA ASP A 11 3.30 8.50 -8.87
C ASP A 11 4.60 7.74 -8.61
N ILE A 12 4.81 6.66 -9.38
CA ILE A 12 5.90 5.74 -9.18
C ILE A 12 7.07 6.12 -10.09
N ALA A 13 8.26 6.01 -9.54
CA ALA A 13 9.51 6.18 -10.27
C ALA A 13 10.38 4.94 -10.15
N VAL A 14 11.23 4.72 -11.15
CA VAL A 14 12.13 3.60 -11.23
C VAL A 14 13.53 4.17 -11.45
N ASP A 15 14.41 4.00 -10.46
CA ASP A 15 15.72 4.68 -10.49
C ASP A 15 15.56 6.17 -10.80
N GLY A 16 14.53 6.78 -10.22
CA GLY A 16 14.27 8.20 -10.36
C GLY A 16 13.56 8.60 -11.65
N GLU A 17 13.31 7.67 -12.57
CA GLU A 17 12.64 7.99 -13.82
C GLU A 17 11.15 7.75 -13.68
N PRO A 18 10.27 8.67 -14.11
CA PRO A 18 8.84 8.46 -13.95
C PRO A 18 8.40 7.19 -14.69
N LEU A 19 7.55 6.41 -14.03
CA LEU A 19 6.93 5.23 -14.60
C LEU A 19 5.46 5.50 -14.90
N GLY A 20 4.69 5.88 -13.88
CA GLY A 20 3.30 6.20 -14.09
C GLY A 20 2.58 6.26 -12.76
N ARG A 21 1.27 6.44 -12.84
CA ARG A 21 0.43 6.66 -11.69
C ARG A 21 -0.45 5.45 -11.43
N VAL A 22 -0.52 5.07 -10.16
CA VAL A 22 -1.45 4.08 -9.65
C VAL A 22 -2.41 4.84 -8.75
N SER A 23 -3.71 4.61 -8.94
N SER A 23 -3.71 4.59 -8.95
CA SER A 23 -4.69 5.18 -8.02
CA SER A 23 -4.75 5.16 -8.10
C SER A 23 -5.48 4.05 -7.35
C SER A 23 -5.47 4.04 -7.36
N PHE A 24 -5.93 4.34 -6.14
CA PHE A 24 -6.59 3.37 -5.30
C PHE A 24 -7.91 3.94 -4.81
N GLU A 25 -8.93 3.08 -4.74
CA GLU A 25 -10.09 3.34 -3.92
C GLU A 25 -9.85 2.77 -2.53
N LEU A 26 -10.13 3.58 -1.50
CA LEU A 26 -9.96 3.17 -0.11
C LEU A 26 -11.34 2.93 0.46
N PHE A 27 -11.58 1.73 1.01
CA PHE A 27 -12.93 1.34 1.43
C PHE A 27 -13.24 1.87 2.84
N ALA A 28 -13.34 3.20 2.95
CA ALA A 28 -13.66 3.84 4.21
C ALA A 28 -15.04 3.46 4.73
N ASP A 29 -15.92 3.01 3.82
CA ASP A 29 -17.22 2.51 4.23
C ASP A 29 -17.14 1.22 5.05
N LYS A 30 -16.11 0.42 4.85
CA LYS A 30 -15.98 -0.88 5.51
C LYS A 30 -14.94 -0.85 6.62
N VAL A 31 -13.81 -0.15 6.36
CA VAL A 31 -12.67 -0.13 7.26
C VAL A 31 -12.21 1.32 7.41
N PRO A 32 -13.01 2.14 8.11
CA PRO A 32 -12.72 3.57 8.16
C PRO A 32 -11.38 3.94 8.79
N LYS A 33 -11.01 3.28 9.90
CA LYS A 33 -9.78 3.66 10.59
C LYS A 33 -8.59 3.33 9.68
N THR A 34 -8.66 2.18 9.00
CA THR A 34 -7.56 1.73 8.18
C THR A 34 -7.44 2.59 6.92
N ALA A 35 -8.58 2.87 6.29
CA ALA A 35 -8.59 3.75 5.14
C ALA A 35 -8.04 5.13 5.49
N GLU A 36 -8.46 5.68 6.64
CA GLU A 36 -8.01 7.03 7.01
C GLU A 36 -6.51 7.09 7.21
N ASN A 37 -5.92 6.06 7.83
CA ASN A 37 -4.49 6.01 8.02
C ASN A 37 -3.77 6.13 6.67
N PHE A 38 -4.17 5.28 5.73
CA PHE A 38 -3.51 5.29 4.44
C PHE A 38 -3.76 6.59 3.68
N ARG A 39 -4.96 7.12 3.79
CA ARG A 39 -5.29 8.40 3.14
C ARG A 39 -4.36 9.50 3.67
N ALA A 40 -4.29 9.66 4.99
CA ALA A 40 -3.48 10.69 5.58
C ALA A 40 -1.99 10.50 5.31
N LEU A 41 -1.50 9.26 5.32
CA LEU A 41 -0.10 9.04 4.98
C LEU A 41 0.16 9.40 3.51
N SER A 42 -0.86 9.25 2.65
CA SER A 42 -0.71 9.58 1.26
C SER A 42 -0.71 11.09 1.02
N THR A 43 -1.46 11.87 1.81
CA THR A 43 -1.42 13.32 1.64
C THR A 43 -0.24 13.95 2.37
N GLY A 44 0.30 13.29 3.40
CA GLY A 44 1.36 13.83 4.22
C GLY A 44 0.86 14.85 5.25
N GLU A 45 -0.45 14.94 5.42
CA GLU A 45 -1.00 16.04 6.21
C GLU A 45 -0.65 16.05 7.68
N LYS A 46 -0.22 14.90 8.28
CA LYS A 46 0.27 14.89 9.65
C LYS A 46 1.74 15.32 9.77
N GLY A 47 2.45 15.46 8.64
CA GLY A 47 3.86 15.84 8.65
C GLY A 47 4.79 14.68 8.36
N PHE A 48 4.23 13.51 8.02
CA PHE A 48 4.97 12.34 7.61
C PHE A 48 4.06 11.49 6.74
N GLY A 49 4.66 10.56 5.99
CA GLY A 49 3.86 9.75 5.11
C GLY A 49 4.69 9.17 3.99
N TYR A 50 3.97 8.75 2.94
CA TYR A 50 4.55 7.89 1.93
C TYR A 50 5.45 8.60 0.91
N LYS A 51 5.36 9.92 0.77
CA LYS A 51 6.08 10.57 -0.32
C LYS A 51 7.58 10.39 -0.13
N GLY A 52 8.22 9.87 -1.18
CA GLY A 52 9.65 9.63 -1.21
C GLY A 52 10.06 8.24 -0.72
N SER A 53 9.10 7.45 -0.25
CA SER A 53 9.40 6.12 0.28
C SER A 53 9.52 5.13 -0.86
N CYS A 54 10.04 3.93 -0.55
CA CYS A 54 10.28 2.92 -1.56
C CYS A 54 9.42 1.67 -1.35
N PHE A 55 9.34 0.87 -2.40
CA PHE A 55 8.82 -0.49 -2.32
C PHE A 55 10.02 -1.39 -2.05
N HIS A 56 10.11 -1.91 -0.82
CA HIS A 56 11.30 -2.62 -0.40
C HIS A 56 11.30 -4.10 -0.83
N ARG A 57 10.13 -4.68 -1.11
N ARG A 57 10.13 -4.68 -1.11
CA ARG A 57 10.04 -6.08 -1.45
CA ARG A 57 10.04 -6.08 -1.45
C ARG A 57 8.99 -6.27 -2.53
C ARG A 57 8.99 -6.27 -2.53
N ILE A 58 9.41 -6.84 -3.65
CA ILE A 58 8.53 -7.11 -4.78
C ILE A 58 8.78 -8.53 -5.25
N ILE A 59 7.78 -9.38 -5.09
CA ILE A 59 7.88 -10.80 -5.48
C ILE A 59 6.91 -11.01 -6.62
N PRO A 60 7.39 -11.15 -7.88
CA PRO A 60 6.52 -11.32 -9.02
C PRO A 60 5.60 -12.52 -8.81
N GLY A 61 4.37 -12.35 -9.26
CA GLY A 61 3.33 -13.35 -9.10
C GLY A 61 2.87 -13.48 -7.65
N PHE A 62 3.10 -12.47 -6.82
CA PHE A 62 2.66 -12.48 -5.45
C PHE A 62 2.22 -11.06 -5.05
N MET A 63 3.16 -10.17 -4.73
CA MET A 63 2.78 -8.86 -4.22
C MET A 63 3.98 -7.90 -4.25
N CYS A 64 3.62 -6.61 -4.16
CA CYS A 64 4.56 -5.52 -3.97
C CYS A 64 4.32 -4.91 -2.59
N GLN A 65 5.35 -4.76 -1.76
CA GLN A 65 5.23 -4.26 -0.41
C GLN A 65 5.99 -2.94 -0.29
N GLY A 66 5.35 -1.97 0.37
CA GLY A 66 5.97 -0.70 0.70
C GLY A 66 5.44 -0.13 2.00
N GLY A 67 5.65 1.18 2.15
CA GLY A 67 5.13 1.93 3.28
C GLY A 67 6.09 2.10 4.44
N ASP A 68 7.32 1.57 4.37
CA ASP A 68 8.26 1.77 5.42
C ASP A 68 9.02 3.07 5.17
N PHE A 69 8.38 4.18 5.54
CA PHE A 69 8.96 5.48 5.24
C PHE A 69 9.97 5.93 6.30
N THR A 70 10.18 5.15 7.38
CA THR A 70 11.16 5.52 8.39
C THR A 70 12.49 4.80 8.24
N ARG A 71 12.47 3.52 7.81
CA ARG A 71 13.72 2.75 7.73
C ARG A 71 13.98 2.16 6.35
N HIS A 72 13.04 2.25 5.43
CA HIS A 72 13.24 1.98 4.02
C HIS A 72 13.54 0.52 3.72
N ASN A 73 13.24 -0.39 4.64
CA ASN A 73 13.63 -1.78 4.46
C ASN A 73 12.68 -2.81 5.06
N GLY A 74 11.55 -2.37 5.58
CA GLY A 74 10.57 -3.27 6.16
C GLY A 74 10.64 -3.34 7.67
N THR A 75 11.65 -2.71 8.27
CA THR A 75 11.81 -2.73 9.73
C THR A 75 11.15 -1.54 10.42
N GLY A 76 10.70 -0.56 9.64
CA GLY A 76 10.14 0.65 10.21
C GLY A 76 8.70 0.88 9.83
N GLY A 77 8.28 2.14 9.89
CA GLY A 77 6.91 2.52 9.61
C GLY A 77 6.20 2.93 10.88
N LYS A 78 5.16 3.75 10.71
CA LYS A 78 4.28 4.12 11.82
C LYS A 78 2.96 4.62 11.26
N SER A 79 1.89 4.35 12.01
CA SER A 79 0.57 4.83 11.67
C SER A 79 0.43 6.30 12.07
N ILE A 80 -0.73 6.87 11.76
CA ILE A 80 -1.07 8.22 12.18
C ILE A 80 -1.60 8.24 13.61
N TYR A 81 -1.71 7.10 14.29
CA TYR A 81 -2.36 7.04 15.59
C TYR A 81 -1.41 7.07 16.79
N GLY A 82 -0.08 7.25 16.63
CA GLY A 82 0.82 7.33 17.78
C GLY A 82 1.25 5.97 18.34
N GLU A 83 0.82 4.91 17.65
CA GLU A 83 1.01 3.52 18.08
C GLU A 83 0.50 2.67 16.94
N LYS A 84 0.98 1.44 16.80
CA LYS A 84 0.33 0.48 15.94
C LYS A 84 -1.15 0.44 16.28
N PHE A 85 -1.97 0.02 15.35
CA PHE A 85 -3.39 -0.03 15.63
C PHE A 85 -3.98 -1.41 15.27
N GLU A 86 -5.20 -1.59 15.74
CA GLU A 86 -5.88 -2.86 15.71
C GLU A 86 -6.24 -3.28 14.28
N ASP A 87 -6.48 -4.59 14.11
CA ASP A 87 -7.17 -5.12 12.96
C ASP A 87 -8.63 -4.73 13.04
N GLU A 88 -9.10 -3.93 12.10
CA GLU A 88 -10.45 -3.40 12.21
C GLU A 88 -11.48 -4.51 12.02
N ASN A 89 -11.32 -5.26 10.93
CA ASN A 89 -12.15 -6.38 10.55
C ASN A 89 -11.45 -7.08 9.40
N PHE A 90 -12.01 -8.23 8.99
CA PHE A 90 -11.55 -8.95 7.83
C PHE A 90 -12.68 -9.16 6.83
N ILE A 91 -13.54 -8.14 6.68
CA ILE A 91 -14.67 -8.23 5.78
C ILE A 91 -14.22 -8.55 4.36
N LEU A 92 -13.18 -7.83 3.90
CA LEU A 92 -12.71 -7.92 2.55
C LEU A 92 -11.60 -8.96 2.43
N LYS A 93 -11.60 -9.68 1.31
CA LYS A 93 -10.68 -10.78 1.10
C LYS A 93 -9.67 -10.44 0.01
N HIS A 94 -8.61 -11.22 -0.02
CA HIS A 94 -7.54 -11.10 -1.00
C HIS A 94 -7.95 -11.89 -2.25
N THR A 95 -8.73 -11.27 -3.13
CA THR A 95 -9.41 -11.94 -4.21
C THR A 95 -8.58 -12.03 -5.48
N GLY A 96 -7.54 -11.22 -5.63
CA GLY A 96 -6.83 -11.17 -6.90
C GLY A 96 -5.92 -9.97 -6.98
N PRO A 97 -5.33 -9.77 -8.18
CA PRO A 97 -4.47 -8.62 -8.40
C PRO A 97 -5.19 -7.32 -8.09
N GLY A 98 -4.43 -6.40 -7.50
CA GLY A 98 -4.92 -5.06 -7.26
C GLY A 98 -5.40 -4.81 -5.85
N ILE A 99 -5.56 -5.87 -5.05
CA ILE A 99 -5.99 -5.71 -3.68
C ILE A 99 -4.90 -5.01 -2.88
N LEU A 100 -5.34 -4.05 -2.06
CA LEU A 100 -4.50 -3.28 -1.20
C LEU A 100 -4.80 -3.69 0.25
N SER A 101 -3.77 -4.12 0.97
CA SER A 101 -3.91 -4.75 2.27
C SER A 101 -2.77 -4.36 3.19
N MET A 102 -2.98 -4.45 4.52
CA MET A 102 -2.00 -4.04 5.49
C MET A 102 -1.01 -5.14 5.79
N ALA A 103 0.27 -4.75 5.81
CA ALA A 103 1.31 -5.58 6.39
C ALA A 103 1.20 -5.59 7.90
N ASN A 104 1.69 -6.62 8.55
CA ASN A 104 1.66 -6.68 9.99
C ASN A 104 2.65 -7.69 10.54
N ALA A 105 2.84 -7.70 11.86
CA ALA A 105 3.74 -8.62 12.52
C ALA A 105 3.04 -9.42 13.60
N GLY A 106 1.75 -9.66 13.46
CA GLY A 106 0.97 -10.31 14.51
C GLY A 106 -0.39 -9.64 14.58
N PRO A 107 -1.28 -10.17 15.42
CA PRO A 107 -2.59 -9.55 15.57
C PRO A 107 -2.43 -8.11 16.05
N ASN A 108 -3.25 -7.23 15.48
CA ASN A 108 -3.35 -5.86 15.99
C ASN A 108 -2.02 -5.10 16.00
N THR A 109 -1.30 -5.17 14.88
CA THR A 109 -0.01 -4.50 14.76
C THR A 109 0.11 -3.68 13.49
N ASN A 110 -0.98 -3.08 13.03
CA ASN A 110 -0.93 -2.29 11.81
C ASN A 110 -0.19 -0.97 12.03
N GLY A 111 0.67 -0.64 11.05
CA GLY A 111 1.43 0.61 11.10
C GLY A 111 1.17 1.42 9.84
N SER A 112 2.21 1.54 9.00
CA SER A 112 2.10 2.18 7.70
C SER A 112 2.34 1.21 6.54
N GLN A 113 3.01 0.07 6.77
CA GLN A 113 3.34 -0.79 5.67
C GLN A 113 2.11 -1.48 5.10
N PHE A 114 2.15 -1.68 3.81
CA PHE A 114 1.05 -2.20 3.04
C PHE A 114 1.60 -3.03 1.88
N PHE A 115 0.71 -3.80 1.24
CA PHE A 115 1.07 -4.52 0.04
C PHE A 115 -0.03 -4.43 -0.97
N ILE A 116 0.37 -4.51 -2.26
CA ILE A 116 -0.51 -4.55 -3.40
C ILE A 116 -0.35 -5.94 -3.99
N CYS A 117 -1.43 -6.71 -4.01
CA CYS A 117 -1.38 -8.05 -4.54
C CYS A 117 -1.23 -8.02 -6.06
N THR A 118 -0.46 -8.98 -6.58
CA THR A 118 -0.41 -9.19 -8.03
C THR A 118 -0.90 -10.59 -8.38
N ALA A 119 -1.49 -11.26 -7.40
CA ALA A 119 -2.10 -12.57 -7.55
C ALA A 119 -3.15 -12.70 -6.45
N LYS A 120 -3.99 -13.71 -6.52
CA LYS A 120 -4.86 -14.05 -5.41
C LYS A 120 -4.02 -14.62 -4.27
N THR A 121 -4.22 -14.10 -3.05
CA THR A 121 -3.44 -14.51 -1.90
C THR A 121 -4.40 -14.87 -0.76
N GLU A 122 -5.21 -15.89 -0.99
CA GLU A 122 -6.31 -16.18 -0.06
C GLU A 122 -5.85 -16.68 1.28
N TRP A 123 -4.62 -17.22 1.37
CA TRP A 123 -4.11 -17.67 2.66
C TRP A 123 -3.87 -16.53 3.63
N LEU A 124 -3.92 -15.28 3.15
CA LEU A 124 -3.78 -14.11 4.01
C LEU A 124 -5.13 -13.64 4.53
N ASP A 125 -6.21 -14.19 4.01
CA ASP A 125 -7.53 -13.79 4.46
C ASP A 125 -7.67 -14.02 5.95
N GLY A 126 -8.24 -13.04 6.63
CA GLY A 126 -8.48 -13.19 8.03
C GLY A 126 -7.29 -12.88 8.91
N LYS A 127 -6.12 -12.55 8.33
CA LYS A 127 -5.02 -12.09 9.13
C LYS A 127 -4.35 -10.79 8.65
N HIS A 128 -4.62 -10.37 7.41
CA HIS A 128 -4.22 -9.05 6.94
C HIS A 128 -5.50 -8.32 6.54
N VAL A 129 -5.61 -7.05 6.99
CA VAL A 129 -6.78 -6.24 6.72
C VAL A 129 -6.71 -5.63 5.32
N VAL A 130 -7.60 -6.06 4.45
CA VAL A 130 -7.83 -5.49 3.13
C VAL A 130 -8.62 -4.20 3.27
N PHE A 131 -8.14 -3.13 2.62
CA PHE A 131 -8.76 -1.82 2.82
C PHE A 131 -8.88 -1.01 1.54
N GLY A 132 -8.46 -1.55 0.42
CA GLY A 132 -8.58 -0.79 -0.81
C GLY A 132 -8.31 -1.67 -2.03
N LYS A 133 -8.38 -1.06 -3.21
CA LYS A 133 -8.08 -1.76 -4.43
C LYS A 133 -7.55 -0.73 -5.44
N VAL A 134 -6.67 -1.17 -6.33
CA VAL A 134 -6.26 -0.37 -7.48
C VAL A 134 -7.49 -0.07 -8.32
N LYS A 135 -7.65 1.21 -8.63
CA LYS A 135 -8.71 1.73 -9.48
C LYS A 135 -8.23 1.93 -10.92
N GLU A 136 -7.12 2.63 -11.08
CA GLU A 136 -6.51 2.88 -12.36
C GLU A 136 -5.03 2.64 -12.20
N GLY A 137 -4.38 2.24 -13.29
CA GLY A 137 -2.95 2.04 -13.26
C GLY A 137 -2.49 0.69 -12.71
N MET A 138 -3.35 -0.36 -12.82
CA MET A 138 -2.87 -1.70 -12.51
C MET A 138 -1.73 -2.07 -13.45
N ASN A 139 -1.72 -1.49 -14.67
CA ASN A 139 -0.62 -1.70 -15.60
C ASN A 139 0.70 -1.19 -15.04
N ILE A 140 0.65 -0.12 -14.24
CA ILE A 140 1.84 0.42 -13.61
C ILE A 140 2.36 -0.53 -12.54
N VAL A 141 1.44 -1.13 -11.78
CA VAL A 141 1.85 -2.14 -10.80
C VAL A 141 2.48 -3.32 -11.54
N GLU A 142 1.89 -3.74 -12.66
CA GLU A 142 2.50 -4.83 -13.42
C GLU A 142 3.89 -4.45 -13.92
N ALA A 143 4.08 -3.17 -14.29
CA ALA A 143 5.42 -2.76 -14.68
C ALA A 143 6.41 -2.79 -13.52
N MET A 144 6.00 -2.33 -12.32
CA MET A 144 6.81 -2.39 -11.10
C MET A 144 7.24 -3.81 -10.82
N GLU A 145 6.27 -4.71 -10.99
CA GLU A 145 6.45 -6.11 -10.64
C GLU A 145 7.65 -6.71 -11.38
N ARG A 146 7.94 -6.21 -12.59
CA ARG A 146 9.01 -6.76 -13.40
C ARG A 146 10.38 -6.51 -12.76
N PHE A 147 10.49 -5.53 -11.86
CA PHE A 147 11.74 -5.22 -11.18
C PHE A 147 11.91 -5.95 -9.86
N GLY A 148 10.98 -6.84 -9.54
CA GLY A 148 11.16 -7.70 -8.37
C GLY A 148 11.94 -8.98 -8.72
N SER A 149 11.96 -9.90 -7.78
CA SER A 149 12.69 -11.14 -7.91
C SER A 149 12.11 -12.17 -6.95
N ARG A 150 12.59 -13.40 -7.04
CA ARG A 150 12.07 -14.46 -6.18
C ARG A 150 12.16 -14.12 -4.70
N ASN A 151 13.32 -13.60 -4.26
CA ASN A 151 13.51 -13.30 -2.86
C ASN A 151 13.01 -11.90 -2.48
N GLY A 152 12.48 -11.18 -3.48
CA GLY A 152 11.82 -9.89 -3.26
C GLY A 152 12.74 -8.67 -3.41
N LYS A 153 14.04 -8.89 -3.55
CA LYS A 153 14.93 -7.75 -3.75
C LYS A 153 14.63 -7.14 -5.11
N THR A 154 14.58 -5.82 -5.15
CA THR A 154 14.31 -5.13 -6.41
C THR A 154 15.61 -4.86 -7.16
N SER A 155 15.52 -4.94 -8.49
CA SER A 155 16.68 -4.72 -9.37
C SER A 155 16.89 -3.27 -9.75
N LYS A 156 15.86 -2.45 -9.52
CA LYS A 156 15.92 -1.00 -9.64
C LYS A 156 15.18 -0.44 -8.42
N LYS A 157 15.48 0.80 -8.08
CA LYS A 157 14.88 1.42 -6.91
C LYS A 157 13.49 1.91 -7.27
N ILE A 158 12.45 1.39 -6.57
CA ILE A 158 11.08 1.70 -6.91
C ILE A 158 10.55 2.62 -5.81
N THR A 159 10.23 3.86 -6.21
CA THR A 159 9.83 4.87 -5.23
C THR A 159 8.46 5.45 -5.57
N ILE A 160 7.87 5.99 -4.49
CA ILE A 160 6.69 6.84 -4.59
C ILE A 160 7.19 8.28 -4.68
N ALA A 161 7.34 8.76 -5.91
CA ALA A 161 7.89 10.09 -6.14
C ALA A 161 6.93 11.16 -5.66
N ASP A 162 5.63 10.90 -5.79
CA ASP A 162 4.61 11.82 -5.30
C ASP A 162 3.39 11.00 -4.96
N CYS A 163 2.55 11.54 -4.09
CA CYS A 163 1.32 10.86 -3.72
C CYS A 163 0.39 11.91 -3.12
N GLY A 164 -0.89 11.57 -3.10
CA GLY A 164 -1.88 12.47 -2.57
C GLY A 164 -3.28 11.94 -2.81
N GLN A 165 -4.23 12.86 -2.66
CA GLN A 165 -5.63 12.51 -2.76
C GLN A 165 -6.21 13.13 -4.01
N LEU A 166 -6.98 12.35 -4.77
CA LEU A 166 -7.68 12.84 -5.95
C LEU A 166 -9.08 13.24 -5.48
N GLU A 167 -9.81 14.02 -6.47
CA GLU A 167 -11.29 14.11 -6.46
C GLU A 167 -11.82 12.68 -6.71
CAY A1ILH B . 9.92 -8.59 11.51
OAZ A1ILH B . 9.25 -8.16 12.68
CBA A1ILH B . 8.77 -9.26 13.58
OBB A1ILH B . 7.96 -10.32 12.88
CBC A1ILH B . 8.48 -10.72 11.61
CAX A1ILH B . 8.78 -9.46 10.74
CBD A1ILH B . 7.57 -8.73 10.39
OBE A1ILH B . 6.40 -9.31 10.52
NBF A1ILH B . 7.63 -7.52 9.72
CAW A1ILH B . 9.38 -9.87 9.47
CAV A1ILH B . 8.73 -10.52 8.40
CAS A1ILH B . 9.25 -10.82 7.06
CAR A1ILH B . 8.39 -11.52 6.26
CAN A1ILH B . 8.70 -11.89 4.96
NAM A1ILH B . 7.75 -12.60 4.29
CAT A1ILH B . 10.49 -10.46 6.46
CAU A1ILH B . 10.89 -10.81 5.13
CAO A1ILH B . 9.94 -11.58 4.37
CAP A1ILH B . 10.15 -12.04 3.04
CAQ A1ILH B . 9.14 -12.67 2.34
CAK A1ILH B . 7.91 -12.94 2.99
CAJ A1ILH B . 6.78 -13.55 2.33
CAL A1ILH B . 6.56 -15.02 2.75
NAI A1ILH B . 5.52 -12.81 2.66
C A1ILH B . 5.41 -11.47 2.51
O A1ILH B . 6.33 -10.82 1.98
CA A1ILH B . 4.23 -10.85 3.12
N A1ILH B . 4.74 -9.67 3.86
CB A1ILH B . 3.13 -10.50 2.14
CAB A1ILH B . 2.02 -9.72 2.85
CAC A1ILH B . 2.57 -8.59 3.61
NAD A1ILH B . 3.70 -9.00 4.50
CBL A1ILH B . 3.78 -8.78 5.81
OBN A1ILH B . 2.87 -8.23 6.41
CBK A1ILH B . 4.95 -9.27 6.60
CBM A1ILH B . 4.65 -10.73 7.03
NBI A1ILH B . 5.23 -8.45 7.75
CBH A1ILH B . 6.16 -7.44 7.79
OBJ A1ILH B . 6.80 -7.18 6.76
CBG A1ILH B . 6.37 -6.89 9.14
CBO A1ILH B . 6.43 -5.35 9.11
CBP A1ILH B . 6.79 -4.84 10.57
CBQ A1ILH B . 7.21 -3.40 10.64
NBR A1ILH B . 7.43 -3.01 12.04
HAY A1ILH B . 10.65 -9.32 11.66
HB7 A1ILH B . 10.28 -7.82 10.91
HBA A1ILH B . 8.13 -8.81 14.34
HB8 A1ILH B . 9.62 -9.73 14.05
HB9 A1ILH B . 9.43 -11.16 11.67
HBC A1ILH B . 7.82 -11.25 11.01
HBF A1ILH B . 8.53 -7.10 9.51
HAW A1ILH B . 10.42 -9.57 9.29
HAV A1ILH B . 7.67 -10.76 8.57
HAR A1ILH B . 7.40 -11.76 6.63
HAT A1ILH B . 11.24 -9.97 7.09
HAU A1ILH B . 11.88 -10.59 4.74
HAP A1ILH B . 11.08 -11.77 2.53
HAQ A1ILH B . 9.30 -12.99 1.31
HAJ A1ILH B . 6.93 -13.52 1.26
HAL A1ILH B . 6.32 -15.07 3.81
HB5 A1ILH B . 7.47 -15.59 2.55
HB6 A1ILH B . 5.74 -15.45 2.17
HAI A1ILH B . 4.82 -13.29 3.19
HA A1ILH B . 3.80 -11.53 3.85
H A1ILH B . 5.50 -9.95 4.43
HB2 A1ILH B . 3.42 -9.80 1.42
HB1 A1ILH B . 2.57 -11.31 1.75
HB3 A1ILH B . 1.32 -9.34 2.11
HAB A1ILH B . 1.49 -10.38 3.53
HB4 A1ILH B . 2.93 -7.84 2.91
HAC A1ILH B . 1.77 -8.15 4.21
HBK A1ILH B . 5.84 -9.27 5.98
HCA A1ILH B . 3.68 -10.77 7.53
HCB A1ILH B . 5.42 -11.07 7.70
HBM A1ILH B . 4.62 -11.37 6.15
HBI A1ILH B . 4.78 -8.71 8.61
HBG A1ILH B . 5.53 -7.15 9.77
HCC A1ILH B . 7.21 -5.02 8.42
HBO A1ILH B . 5.48 -4.94 8.80
HCD A1ILH B . 5.92 -4.98 11.20
HBP A1ILH B . 7.61 -5.44 10.97
HCE A1ILH B . 8.13 -3.26 10.09
HBQ A1ILH B . 6.43 -2.77 10.20
HBR A1ILH B . 8.13 -3.61 12.44
HCF A1ILH B . 6.57 -3.12 12.55
HCG A1ILH B . 7.73 -2.07 12.08
CL CL C . 4.61 -0.41 9.69
#